data_1JIP
#
_entry.id   1JIP
#
_cell.length_a   54.230
_cell.length_b   80.490
_cell.length_c   99.720
_cell.angle_alpha   90.00
_cell.angle_beta   90.00
_cell.angle_gamma   90.00
#
_symmetry.space_group_name_H-M   'P 21 21 21'
#
loop_
_entity.id
_entity.type
_entity.pdbx_description
1 polymer 'CYTOCHROME P450 107A1'
2 non-polymer 'PROTOPORPHYRIN IX CONTAINING FE'
3 non-polymer CIS-1-ACETYL-4-(4-((2-(2,4-DICHLOROPHENYL)-2-(1H-IMIDAZOL-1-YLMETHYL)-1,3-DIOXOLAN-4-YL)METHOXY)PHENYL)PIPERAZINE
4 water water
#
_entity_poly.entity_id   1
_entity_poly.type   'polypeptide(L)'
_entity_poly.pdbx_seq_one_letter_code
;TTVPDLESDSFHVDWYRTYAELRETAPVTPVRFLGQDAWLVTGYDEAKAALSDLRLSSDPKKKYPGVEVEFPAYLGFPED
VRNYFATNMGTSDPPTHTRLRKLVSQEFTVRRVEAMRPRVEQITAELLDEVGDSGVVDIVDRFAHPLPIKVICELLGVDE
KYRGEFGRWSSEILVMDPERAEQRGQAAREVVNFILDLVERRRTEPGDDLLSALIRVQDDDDGRLSADELTSIALVLLLA
GFESSVSLIGIGTYLLLTHPDQLALVRRDPSALPNAVEEILRYIAPPETTTRFAAEEVEIGGVAIPQYSTVLVANGAANR
DPKQFPDPHRFDVTRDTRGHLSFGQGIHFCMGRPLAKLEGEVALRALFGRFPALSLGIDADDVVWRRSLLLRGIDHLPVR
LDG
;
_entity_poly.pdbx_strand_id   A
#
loop_
_chem_comp.id
_chem_comp.type
_chem_comp.name
_chem_comp.formula
HEM non-polymer 'PROTOPORPHYRIN IX CONTAINING FE' 'C34 H32 Fe N4 O4'
KTN non-polymer CIS-1-ACETYL-4-(4-((2-(2,4-DICHLOROPHENYL)-2-(1H-IMIDAZOL-1-YLMETHYL)-1,3-DIOXOLAN-4-YL)METHOXY)PHENYL)PIPERAZINE 'C26 H28 Cl2 N4 O4'
#
# COMPACT_ATOMS: atom_id res chain seq x y z
N THR A 1 24.51 -1.26 -23.00
CA THR A 1 24.53 -0.73 -21.59
C THR A 1 23.88 -1.74 -20.64
N THR A 2 24.47 -1.87 -19.45
CA THR A 2 23.96 -2.79 -18.44
C THR A 2 22.57 -2.38 -17.95
N VAL A 3 21.61 -3.29 -18.07
CA VAL A 3 20.24 -3.02 -17.64
C VAL A 3 19.97 -3.69 -16.29
N PRO A 4 19.58 -2.90 -15.28
CA PRO A 4 19.29 -3.45 -13.95
C PRO A 4 18.18 -4.49 -13.96
N ASP A 5 18.21 -5.40 -12.98
CA ASP A 5 17.20 -6.44 -12.85
C ASP A 5 16.56 -6.24 -11.48
N LEU A 6 15.34 -5.72 -11.47
CA LEU A 6 14.65 -5.45 -10.21
C LEU A 6 14.49 -6.67 -9.30
N GLU A 7 14.84 -7.85 -9.80
CA GLU A 7 14.74 -9.07 -9.01
C GLU A 7 16.01 -9.31 -8.19
N SER A 8 17.12 -8.75 -8.65
CA SER A 8 18.40 -8.92 -7.96
C SER A 8 18.36 -8.32 -6.56
N ASP A 9 19.29 -8.75 -5.72
CA ASP A 9 19.37 -8.30 -4.34
C ASP A 9 19.69 -6.83 -4.19
N SER A 10 20.08 -6.18 -5.28
CA SER A 10 20.41 -4.75 -5.23
C SER A 10 19.15 -3.94 -4.94
N PHE A 11 18.00 -4.52 -5.24
CA PHE A 11 16.72 -3.86 -5.03
C PHE A 11 15.97 -4.39 -3.81
N HIS A 12 16.68 -5.07 -2.93
CA HIS A 12 16.07 -5.64 -1.74
C HIS A 12 16.97 -5.58 -0.51
N VAL A 13 18.22 -5.18 -0.73
CA VAL A 13 19.20 -5.06 0.34
C VAL A 13 19.81 -3.66 0.30
N ASP A 14 19.51 -2.84 1.31
CA ASP A 14 20.01 -1.47 1.34
C ASP A 14 19.70 -0.86 -0.02
N TRP A 15 18.52 -1.18 -0.52
CA TRP A 15 18.05 -0.75 -1.84
C TRP A 15 17.95 0.75 -2.13
N TYR A 16 17.85 1.58 -1.10
CA TYR A 16 17.77 3.02 -1.34
C TYR A 16 19.10 3.58 -1.83
N ARG A 17 20.15 2.80 -1.65
CA ARG A 17 21.48 3.22 -2.09
C ARG A 17 21.53 2.94 -3.59
N THR A 18 20.88 1.86 -4.01
CA THR A 18 20.81 1.48 -5.41
C THR A 18 19.99 2.54 -6.17
N TYR A 19 18.84 2.90 -5.62
CA TYR A 19 17.99 3.91 -6.24
C TYR A 19 18.74 5.22 -6.40
N ALA A 20 19.51 5.59 -5.38
CA ALA A 20 20.29 6.83 -5.41
C ALA A 20 21.35 6.78 -6.52
N GLU A 21 21.92 5.61 -6.76
CA GLU A 21 22.93 5.48 -7.79
C GLU A 21 22.35 5.55 -9.19
N LEU A 22 21.13 5.03 -9.35
CA LEU A 22 20.47 5.08 -10.64
C LEU A 22 19.93 6.48 -10.91
N ARG A 23 19.44 7.13 -9.86
CA ARG A 23 18.88 8.47 -9.98
C ARG A 23 19.94 9.47 -10.42
N GLU A 24 21.11 9.43 -9.78
CA GLU A 24 22.19 10.35 -10.12
C GLU A 24 22.61 10.19 -11.58
N THR A 25 22.56 8.96 -12.09
CA THR A 25 22.91 8.68 -13.46
C THR A 25 21.79 9.11 -14.41
N ALA A 26 20.59 8.59 -14.15
CA ALA A 26 19.43 8.92 -14.97
C ALA A 26 18.12 8.63 -14.23
N PRO A 27 17.35 9.68 -13.90
CA PRO A 27 16.08 9.55 -13.18
C PRO A 27 15.04 8.72 -13.92
N VAL A 28 15.32 8.41 -15.18
CA VAL A 28 14.42 7.61 -16.01
C VAL A 28 15.29 6.65 -16.82
N THR A 29 15.25 5.36 -16.50
CA THR A 29 16.06 4.38 -17.21
C THR A 29 15.36 3.06 -17.49
N PRO A 30 15.88 2.30 -18.46
CA PRO A 30 15.30 1.00 -18.83
C PRO A 30 15.73 -0.05 -17.80
N VAL A 31 14.84 -0.97 -17.50
CA VAL A 31 15.16 -2.03 -16.55
C VAL A 31 14.50 -3.33 -16.99
N ARG A 32 14.85 -4.40 -16.28
CA ARG A 32 14.31 -5.72 -16.54
C ARG A 32 13.61 -6.15 -15.26
N PHE A 33 12.50 -6.86 -15.41
CA PHE A 33 11.74 -7.34 -14.26
C PHE A 33 10.73 -8.38 -14.72
N LEU A 34 10.81 -9.57 -14.12
CA LEU A 34 9.88 -10.65 -14.47
C LEU A 34 9.92 -11.01 -15.93
N GLY A 35 11.10 -10.88 -16.54
CA GLY A 35 11.25 -11.22 -17.94
C GLY A 35 10.61 -10.23 -18.91
N GLN A 36 10.55 -8.97 -18.50
CA GLN A 36 9.97 -7.94 -19.35
C GLN A 36 10.75 -6.64 -19.25
N ASP A 37 10.78 -5.88 -20.34
CA ASP A 37 11.49 -4.62 -20.35
C ASP A 37 10.56 -3.56 -19.80
N ALA A 38 11.12 -2.60 -19.07
CA ALA A 38 10.31 -1.55 -18.50
C ALA A 38 11.15 -0.33 -18.20
N TRP A 39 10.50 0.74 -17.78
CA TRP A 39 11.18 1.98 -17.45
C TRP A 39 10.97 2.34 -15.99
N LEU A 40 12.06 2.62 -15.29
CA LEU A 40 11.99 2.97 -13.88
C LEU A 40 12.24 4.47 -13.67
N VAL A 41 11.31 5.13 -12.99
CA VAL A 41 11.41 6.55 -12.70
C VAL A 41 11.76 6.71 -11.22
N THR A 42 12.94 7.26 -10.94
CA THR A 42 13.41 7.43 -9.58
C THR A 42 13.57 8.88 -9.11
N GLY A 43 13.44 9.83 -10.02
CA GLY A 43 13.59 11.23 -9.65
C GLY A 43 12.25 11.78 -9.20
N TYR A 44 12.27 12.71 -8.25
CA TYR A 44 11.02 13.30 -7.75
C TYR A 44 10.21 14.03 -8.83
N ASP A 45 10.83 14.99 -9.50
CA ASP A 45 10.14 15.76 -10.54
C ASP A 45 9.60 14.85 -11.65
N GLU A 46 10.38 13.84 -12.02
CA GLU A 46 9.98 12.91 -13.06
C GLU A 46 8.80 12.05 -12.62
N ALA A 47 8.84 11.59 -11.37
CA ALA A 47 7.76 10.76 -10.84
C ALA A 47 6.46 11.59 -10.79
N LYS A 48 6.58 12.81 -10.29
CA LYS A 48 5.42 13.70 -10.17
C LYS A 48 4.84 13.95 -11.55
N ALA A 49 5.72 14.18 -12.52
CA ALA A 49 5.30 14.43 -13.89
C ALA A 49 4.58 13.21 -14.48
N ALA A 50 5.19 12.03 -14.32
CA ALA A 50 4.60 10.80 -14.85
C ALA A 50 3.19 10.55 -14.32
N LEU A 51 3.02 10.68 -13.00
CA LEU A 51 1.72 10.45 -12.37
C LEU A 51 0.67 11.49 -12.76
N SER A 52 1.11 12.64 -13.25
CA SER A 52 0.19 13.70 -13.65
C SER A 52 -0.18 13.63 -15.13
N ASP A 53 0.56 12.85 -15.90
CA ASP A 53 0.31 12.74 -17.34
C ASP A 53 -0.63 11.59 -17.67
N LEU A 54 -1.88 11.92 -18.02
CA LEU A 54 -2.86 10.90 -18.33
C LEU A 54 -2.61 10.08 -19.60
N ARG A 55 -1.52 10.36 -20.31
CA ARG A 55 -1.21 9.54 -21.48
C ARG A 55 -0.64 8.21 -20.91
N LEU A 56 -0.26 8.23 -19.63
CA LEU A 56 0.24 7.04 -18.96
C LEU A 56 -0.96 6.46 -18.23
N SER A 57 -1.53 5.41 -18.81
CA SER A 57 -2.73 4.75 -18.32
C SER A 57 -2.55 3.84 -17.11
N SER A 58 -3.64 3.65 -16.36
CA SER A 58 -3.66 2.79 -15.17
C SER A 58 -4.53 1.56 -15.38
N ASP A 59 -5.11 1.45 -16.58
CA ASP A 59 -6.03 0.37 -16.90
C ASP A 59 -5.40 -0.81 -17.64
N PRO A 60 -5.16 -1.92 -16.92
CA PRO A 60 -4.55 -3.12 -17.50
C PRO A 60 -5.47 -3.90 -18.43
N LYS A 61 -6.76 -3.56 -18.42
CA LYS A 61 -7.73 -4.25 -19.26
C LYS A 61 -7.75 -3.80 -20.72
N LYS A 62 -7.43 -2.53 -20.98
CA LYS A 62 -7.46 -2.02 -22.34
C LYS A 62 -6.63 -2.86 -23.33
N LYS A 63 -7.15 -2.98 -24.54
CA LYS A 63 -6.49 -3.75 -25.59
C LYS A 63 -5.96 -2.82 -26.67
N TYR A 64 -4.73 -3.05 -27.10
CA TYR A 64 -4.14 -2.24 -28.15
C TYR A 64 -3.71 -3.18 -29.26
N PRO A 65 -3.90 -2.75 -30.52
CA PRO A 65 -3.55 -3.56 -31.70
C PRO A 65 -2.16 -4.19 -31.65
N GLY A 66 -2.12 -5.52 -31.69
CA GLY A 66 -0.87 -6.25 -31.68
C GLY A 66 0.06 -6.19 -30.49
N VAL A 67 -0.45 -5.86 -29.30
CA VAL A 67 0.41 -5.79 -28.12
C VAL A 67 -0.15 -6.61 -26.97
N GLU A 68 0.73 -7.27 -26.23
CA GLU A 68 0.34 -8.09 -25.09
C GLU A 68 0.77 -7.48 -23.75
N VAL A 69 -0.14 -6.75 -23.13
CA VAL A 69 0.13 -6.10 -21.84
C VAL A 69 0.12 -7.10 -20.68
N GLU A 70 1.28 -7.26 -20.05
CA GLU A 70 1.44 -8.16 -18.91
C GLU A 70 2.09 -7.41 -17.74
N PHE A 71 1.27 -6.86 -16.86
CA PHE A 71 1.74 -6.09 -15.72
C PHE A 71 2.18 -6.94 -14.53
N PRO A 72 3.25 -6.52 -13.84
CA PRO A 72 3.84 -7.20 -12.67
C PRO A 72 2.83 -7.65 -11.61
N ALA A 73 2.01 -6.71 -11.13
CA ALA A 73 1.01 -6.99 -10.10
C ALA A 73 0.05 -8.14 -10.40
N TYR A 74 -0.06 -8.53 -11.67
CA TYR A 74 -0.97 -9.60 -12.04
C TYR A 74 -0.25 -10.84 -12.55
N LEU A 75 0.98 -11.02 -12.07
CA LEU A 75 1.75 -12.19 -12.45
C LEU A 75 0.99 -13.45 -12.04
N GLY A 76 0.79 -14.35 -13.00
CA GLY A 76 0.12 -15.61 -12.72
C GLY A 76 -1.40 -15.62 -12.60
N PHE A 77 -2.04 -14.51 -12.90
CA PHE A 77 -3.49 -14.39 -12.81
C PHE A 77 -4.18 -14.77 -14.10
N PRO A 78 -5.18 -15.67 -14.04
CA PRO A 78 -5.89 -16.05 -15.27
C PRO A 78 -6.63 -14.78 -15.68
N GLU A 79 -7.00 -14.64 -16.94
CA GLU A 79 -7.66 -13.42 -17.39
C GLU A 79 -8.94 -13.03 -16.64
N ASP A 80 -9.71 -14.02 -16.21
CA ASP A 80 -10.95 -13.71 -15.51
C ASP A 80 -10.72 -13.18 -14.09
N VAL A 81 -9.72 -13.72 -13.37
CA VAL A 81 -9.45 -13.23 -12.03
C VAL A 81 -8.79 -11.85 -12.14
N ARG A 82 -8.09 -11.61 -13.24
CA ARG A 82 -7.45 -10.33 -13.45
C ARG A 82 -8.53 -9.24 -13.53
N ASN A 83 -9.59 -9.51 -14.30
CA ASN A 83 -10.68 -8.55 -14.45
C ASN A 83 -11.36 -8.22 -13.14
N TYR A 84 -11.47 -9.20 -12.25
CA TYR A 84 -12.08 -8.95 -10.94
C TYR A 84 -11.15 -8.10 -10.07
N PHE A 85 -9.86 -8.16 -10.37
CA PHE A 85 -8.87 -7.39 -9.63
C PHE A 85 -8.71 -6.00 -10.23
N ALA A 86 -9.09 -5.88 -11.51
CA ALA A 86 -8.90 -4.63 -12.24
C ALA A 86 -10.14 -3.89 -12.77
N THR A 87 -11.22 -3.90 -12.03
CA THR A 87 -12.40 -3.18 -12.45
C THR A 87 -12.82 -2.27 -11.28
N ASN A 88 -11.88 -1.42 -10.87
CA ASN A 88 -12.09 -0.49 -9.77
C ASN A 88 -11.36 0.84 -10.05
N MET A 89 -11.49 1.81 -9.17
CA MET A 89 -10.88 3.11 -9.41
C MET A 89 -9.40 3.08 -9.76
N GLY A 90 -8.62 2.34 -8.98
CA GLY A 90 -7.20 2.28 -9.23
C GLY A 90 -6.78 1.74 -10.58
N THR A 91 -7.64 0.90 -11.16
CA THR A 91 -7.33 0.27 -12.44
C THR A 91 -8.19 0.77 -13.61
N SER A 92 -8.51 2.06 -13.60
CA SER A 92 -9.29 2.62 -14.70
C SER A 92 -8.86 4.05 -14.97
N ASP A 93 -9.20 4.54 -16.15
CA ASP A 93 -8.86 5.89 -16.55
C ASP A 93 -10.15 6.71 -16.71
N PRO A 94 -10.03 8.04 -16.75
CA PRO A 94 -11.23 8.86 -16.92
C PRO A 94 -11.82 8.45 -18.27
N PRO A 95 -13.15 8.56 -18.44
CA PRO A 95 -14.16 9.03 -17.49
C PRO A 95 -14.65 7.96 -16.53
N THR A 96 -14.29 6.71 -16.79
CA THR A 96 -14.72 5.60 -15.94
C THR A 96 -14.21 5.83 -14.51
N HIS A 97 -12.93 6.19 -14.39
CA HIS A 97 -12.36 6.43 -13.08
C HIS A 97 -13.19 7.45 -12.32
N THR A 98 -13.55 8.53 -13.01
CA THR A 98 -14.33 9.60 -12.40
C THR A 98 -15.63 9.17 -11.73
N ARG A 99 -16.47 8.41 -12.42
CA ARG A 99 -17.73 8.01 -11.79
C ARG A 99 -17.57 6.96 -10.69
N LEU A 100 -16.63 6.04 -10.86
CA LEU A 100 -16.42 5.04 -9.82
C LEU A 100 -15.98 5.73 -8.53
N ARG A 101 -15.04 6.66 -8.65
CA ARG A 101 -14.55 7.37 -7.48
C ARG A 101 -15.61 8.25 -6.82
N LYS A 102 -16.49 8.83 -7.63
CA LYS A 102 -17.55 9.69 -7.10
C LYS A 102 -18.59 8.87 -6.34
N LEU A 103 -18.98 7.72 -6.89
CA LEU A 103 -19.96 6.87 -6.23
C LEU A 103 -19.43 6.33 -4.89
N VAL A 104 -18.19 5.84 -4.88
CA VAL A 104 -17.62 5.29 -3.66
C VAL A 104 -17.39 6.37 -2.60
N SER A 105 -16.90 7.54 -3.02
CA SER A 105 -16.64 8.66 -2.10
C SER A 105 -17.91 9.12 -1.39
N GLN A 106 -19.07 8.75 -1.91
CA GLN A 106 -20.34 9.12 -1.31
C GLN A 106 -20.57 8.37 0.01
N GLU A 107 -19.96 7.18 0.14
CA GLU A 107 -20.13 6.38 1.35
C GLU A 107 -18.81 6.17 2.13
N PHE A 108 -17.69 6.16 1.41
CA PHE A 108 -16.39 6.00 2.07
C PHE A 108 -15.94 7.42 2.41
N THR A 109 -16.56 7.98 3.44
CA THR A 109 -16.30 9.35 3.85
C THR A 109 -15.45 9.51 5.09
N VAL A 110 -15.01 10.75 5.33
CA VAL A 110 -14.21 11.09 6.50
C VAL A 110 -15.09 10.89 7.72
N ARG A 111 -16.37 11.23 7.60
CA ARG A 111 -17.31 11.05 8.71
C ARG A 111 -17.34 9.58 9.15
N ARG A 112 -17.52 8.68 8.17
CA ARG A 112 -17.58 7.25 8.47
C ARG A 112 -16.29 6.75 9.11
N VAL A 113 -15.16 7.27 8.64
CA VAL A 113 -13.87 6.89 9.17
C VAL A 113 -13.70 7.40 10.61
N GLU A 114 -14.04 8.65 10.83
CA GLU A 114 -13.94 9.24 12.16
C GLU A 114 -14.86 8.54 13.15
N ALA A 115 -16.01 8.08 12.69
CA ALA A 115 -16.97 7.40 13.55
C ALA A 115 -16.41 6.09 14.10
N MET A 116 -15.37 5.58 13.46
CA MET A 116 -14.73 4.33 13.86
C MET A 116 -13.60 4.54 14.86
N ARG A 117 -13.25 5.79 15.12
CA ARG A 117 -12.13 6.06 16.03
C ARG A 117 -12.26 5.36 17.39
N PRO A 118 -13.39 5.53 18.08
CA PRO A 118 -13.51 4.86 19.38
C PRO A 118 -13.29 3.35 19.25
N ARG A 119 -13.80 2.76 18.18
CA ARG A 119 -13.65 1.32 17.97
C ARG A 119 -12.17 0.95 17.73
N VAL A 120 -11.48 1.74 16.92
CA VAL A 120 -10.07 1.47 16.63
C VAL A 120 -9.27 1.55 17.92
N GLU A 121 -9.63 2.50 18.78
CA GLU A 121 -8.94 2.66 20.06
C GLU A 121 -9.20 1.46 20.97
N GLN A 122 -10.44 1.01 21.02
CA GLN A 122 -10.80 -0.13 21.85
C GLN A 122 -10.04 -1.39 21.39
N ILE A 123 -10.07 -1.66 20.09
CA ILE A 123 -9.38 -2.80 19.52
C ILE A 123 -7.89 -2.78 19.84
N THR A 124 -7.28 -1.60 19.78
CA THR A 124 -5.85 -1.44 20.05
C THR A 124 -5.55 -1.80 21.50
N ALA A 125 -6.40 -1.32 22.40
CA ALA A 125 -6.23 -1.57 23.82
C ALA A 125 -6.33 -3.07 24.11
N GLU A 126 -7.35 -3.71 23.54
CA GLU A 126 -7.55 -5.14 23.74
C GLU A 126 -6.38 -5.98 23.25
N LEU A 127 -5.82 -5.63 22.11
CA LEU A 127 -4.69 -6.36 21.58
C LEU A 127 -3.47 -6.20 22.47
N LEU A 128 -3.29 -4.99 23.01
CA LEU A 128 -2.14 -4.74 23.87
C LEU A 128 -2.29 -5.41 25.24
N ASP A 129 -3.53 -5.62 25.69
CA ASP A 129 -3.73 -6.30 26.97
C ASP A 129 -3.24 -7.74 26.81
N GLU A 130 -3.57 -8.32 25.67
CA GLU A 130 -3.23 -9.69 25.31
C GLU A 130 -1.76 -10.04 25.13
N VAL A 131 -0.88 -9.05 24.96
CA VAL A 131 0.54 -9.33 24.76
C VAL A 131 1.33 -9.49 26.05
N GLY A 132 0.85 -8.89 27.14
CA GLY A 132 1.56 -9.02 28.40
C GLY A 132 2.32 -7.75 28.75
N ASP A 133 3.19 -7.86 29.75
CA ASP A 133 3.97 -6.72 30.19
C ASP A 133 5.45 -7.06 30.37
N SER A 134 5.85 -8.22 29.87
CA SER A 134 7.23 -8.65 29.97
C SER A 134 7.56 -9.74 28.95
N GLY A 135 8.81 -9.78 28.51
CA GLY A 135 9.22 -10.78 27.55
C GLY A 135 9.31 -10.32 26.12
N VAL A 136 9.56 -11.27 25.23
CA VAL A 136 9.70 -11.01 23.80
C VAL A 136 8.50 -11.52 23.02
N VAL A 137 7.97 -10.68 22.13
CA VAL A 137 6.84 -11.08 21.29
C VAL A 137 7.06 -10.55 19.89
N ASP A 138 6.44 -11.19 18.90
CA ASP A 138 6.54 -10.73 17.54
C ASP A 138 5.44 -9.68 17.48
N ILE A 139 5.82 -8.41 17.50
CA ILE A 139 4.84 -7.32 17.50
C ILE A 139 4.01 -7.26 16.21
N VAL A 140 4.50 -7.87 15.14
CA VAL A 140 3.74 -7.86 13.89
C VAL A 140 2.57 -8.83 13.99
N ASP A 141 2.86 -10.06 14.39
CA ASP A 141 1.82 -11.08 14.53
C ASP A 141 0.80 -10.75 15.61
N ARG A 142 1.27 -10.22 16.73
CA ARG A 142 0.39 -9.92 17.85
C ARG A 142 -0.25 -8.54 17.86
N PHE A 143 0.14 -7.66 16.95
CA PHE A 143 -0.42 -6.29 17.00
C PHE A 143 -0.61 -5.60 15.65
N ALA A 144 0.50 -5.28 14.99
CA ALA A 144 0.46 -4.59 13.72
C ALA A 144 -0.44 -5.24 12.67
N HIS A 145 -0.49 -6.57 12.68
CA HIS A 145 -1.29 -7.29 11.71
C HIS A 145 -2.79 -7.42 12.05
N PRO A 146 -3.12 -7.86 13.28
CA PRO A 146 -4.51 -8.03 13.74
C PRO A 146 -5.35 -6.77 13.78
N LEU A 147 -4.73 -5.65 14.16
CA LEU A 147 -5.43 -4.39 14.29
C LEU A 147 -6.15 -3.94 13.01
N PRO A 148 -5.42 -3.74 11.89
CA PRO A 148 -6.06 -3.30 10.64
C PRO A 148 -7.04 -4.32 10.07
N ILE A 149 -6.77 -5.59 10.31
CA ILE A 149 -7.64 -6.66 9.83
C ILE A 149 -8.98 -6.58 10.53
N LYS A 150 -8.95 -6.41 11.85
CA LYS A 150 -10.20 -6.33 12.61
C LYS A 150 -10.98 -5.08 12.16
N VAL A 151 -10.27 -3.98 11.96
CA VAL A 151 -10.90 -2.74 11.54
C VAL A 151 -11.58 -2.83 10.18
N ILE A 152 -10.86 -3.33 9.17
CA ILE A 152 -11.40 -3.44 7.83
C ILE A 152 -12.54 -4.45 7.71
N CYS A 153 -12.52 -5.47 8.57
CA CYS A 153 -13.57 -6.48 8.54
C CYS A 153 -14.87 -5.94 9.15
N GLU A 154 -14.75 -5.09 10.15
CA GLU A 154 -15.95 -4.50 10.75
C GLU A 154 -16.53 -3.47 9.78
N LEU A 155 -15.65 -2.79 9.05
CA LEU A 155 -16.07 -1.78 8.09
C LEU A 155 -16.81 -2.41 6.90
N LEU A 156 -16.31 -3.56 6.44
CA LEU A 156 -16.90 -4.25 5.29
C LEU A 156 -17.88 -5.36 5.66
N GLY A 157 -18.12 -5.56 6.94
CA GLY A 157 -19.04 -6.60 7.37
C GLY A 157 -18.54 -8.02 7.12
N VAL A 158 -17.25 -8.24 7.33
CA VAL A 158 -16.65 -9.56 7.14
C VAL A 158 -16.50 -10.27 8.48
N ASP A 159 -17.04 -11.48 8.58
CA ASP A 159 -16.98 -12.26 9.82
C ASP A 159 -15.61 -12.81 10.19
N GLU A 160 -15.44 -13.15 11.46
CA GLU A 160 -14.18 -13.69 11.98
C GLU A 160 -13.89 -15.07 11.39
N LYS A 161 -14.93 -15.89 11.22
CA LYS A 161 -14.79 -17.23 10.66
C LYS A 161 -14.70 -17.12 9.14
N TYR A 162 -13.77 -16.30 8.69
CA TYR A 162 -13.52 -16.08 7.26
C TYR A 162 -12.14 -15.46 7.16
N ARG A 163 -11.74 -14.78 8.24
CA ARG A 163 -10.44 -14.13 8.32
C ARG A 163 -9.42 -15.25 8.56
N GLY A 164 -8.14 -14.90 8.62
CA GLY A 164 -7.13 -15.91 8.81
C GLY A 164 -6.79 -16.55 7.48
N GLU A 165 -7.80 -17.10 6.82
CA GLU A 165 -7.59 -17.71 5.51
C GLU A 165 -7.27 -16.60 4.53
N PHE A 166 -8.15 -15.60 4.46
CA PHE A 166 -7.93 -14.47 3.55
C PHE A 166 -6.54 -13.86 3.68
N GLY A 167 -6.09 -13.71 4.92
CA GLY A 167 -4.77 -13.15 5.18
C GLY A 167 -3.64 -13.99 4.62
N ARG A 168 -3.90 -15.28 4.45
CA ARG A 168 -2.90 -16.19 3.91
C ARG A 168 -2.75 -15.92 2.42
N TRP A 169 -3.87 -15.65 1.76
CA TRP A 169 -3.86 -15.37 0.33
C TRP A 169 -3.28 -14.00 0.02
N SER A 170 -3.64 -13.02 0.85
CA SER A 170 -3.15 -11.65 0.68
C SER A 170 -1.63 -11.67 0.64
N SER A 171 -1.04 -12.32 1.63
CA SER A 171 0.40 -12.41 1.76
C SER A 171 1.10 -12.99 0.54
N GLU A 172 0.50 -14.00 -0.08
CA GLU A 172 1.10 -14.62 -1.26
C GLU A 172 1.10 -13.65 -2.43
N ILE A 173 0.03 -12.88 -2.55
CA ILE A 173 -0.09 -11.92 -3.64
C ILE A 173 0.90 -10.76 -3.57
N LEU A 174 1.41 -10.45 -2.38
CA LEU A 174 2.36 -9.35 -2.26
C LEU A 174 3.72 -9.62 -2.88
N VAL A 175 4.08 -10.89 -3.00
CA VAL A 175 5.36 -11.25 -3.59
C VAL A 175 5.16 -11.65 -5.05
N MET A 176 6.09 -11.24 -5.91
CA MET A 176 5.99 -11.56 -7.33
C MET A 176 7.25 -12.32 -7.70
N ASP A 177 7.18 -13.64 -7.53
CA ASP A 177 8.28 -14.54 -7.83
C ASP A 177 7.80 -15.50 -8.92
N PRO A 178 8.41 -15.43 -10.11
CA PRO A 178 8.04 -16.28 -11.23
C PRO A 178 7.99 -17.79 -10.93
N GLU A 179 8.73 -18.23 -9.92
CA GLU A 179 8.73 -19.64 -9.57
C GLU A 179 7.44 -20.04 -8.86
N ARG A 180 6.77 -19.07 -8.24
CA ARG A 180 5.53 -19.32 -7.52
C ARG A 180 4.32 -18.71 -8.23
N ALA A 181 4.47 -18.38 -9.50
CA ALA A 181 3.37 -17.77 -10.25
C ALA A 181 2.07 -18.55 -10.14
N GLU A 182 2.17 -19.87 -10.12
CA GLU A 182 0.99 -20.72 -10.04
C GLU A 182 0.29 -20.59 -8.70
N GLN A 183 1.06 -20.66 -7.61
CA GLN A 183 0.47 -20.52 -6.28
C GLN A 183 -0.16 -19.13 -6.14
N ARG A 184 0.49 -18.13 -6.72
CA ARG A 184 -0.01 -16.75 -6.66
C ARG A 184 -1.34 -16.68 -7.40
N GLY A 185 -1.38 -17.33 -8.55
CA GLY A 185 -2.61 -17.34 -9.34
C GLY A 185 -3.72 -18.07 -8.60
N GLN A 186 -3.34 -19.08 -7.82
CA GLN A 186 -4.31 -19.84 -7.06
C GLN A 186 -4.85 -19.04 -5.88
N ALA A 187 -3.96 -18.33 -5.18
CA ALA A 187 -4.38 -17.52 -4.04
C ALA A 187 -5.34 -16.42 -4.52
N ALA A 188 -5.10 -15.91 -5.73
CA ALA A 188 -5.93 -14.86 -6.29
C ALA A 188 -7.33 -15.37 -6.63
N ARG A 189 -7.42 -16.62 -7.07
CA ARG A 189 -8.71 -17.21 -7.39
C ARG A 189 -9.50 -17.41 -6.08
N GLU A 190 -8.78 -17.74 -5.01
CA GLU A 190 -9.40 -17.92 -3.70
C GLU A 190 -10.01 -16.62 -3.21
N VAL A 191 -9.28 -15.52 -3.38
CA VAL A 191 -9.79 -14.22 -2.92
C VAL A 191 -11.00 -13.80 -3.74
N VAL A 192 -10.97 -14.05 -5.05
CA VAL A 192 -12.10 -13.71 -5.89
C VAL A 192 -13.34 -14.50 -5.44
N ASN A 193 -13.16 -15.79 -5.18
CA ASN A 193 -14.25 -16.65 -4.73
C ASN A 193 -14.83 -16.18 -3.41
N PHE A 194 -13.95 -15.76 -2.51
CA PHE A 194 -14.36 -15.26 -1.21
C PHE A 194 -15.21 -13.99 -1.34
N ILE A 195 -14.74 -13.04 -2.14
CA ILE A 195 -15.44 -11.79 -2.35
C ILE A 195 -16.82 -12.03 -2.98
N LEU A 196 -16.87 -12.86 -4.00
CA LEU A 196 -18.14 -13.15 -4.65
C LEU A 196 -19.17 -13.64 -3.64
N ASP A 197 -18.75 -14.52 -2.74
CA ASP A 197 -19.63 -15.06 -1.71
C ASP A 197 -20.04 -14.00 -0.70
N LEU A 198 -19.10 -13.14 -0.34
CA LEU A 198 -19.35 -12.08 0.62
C LEU A 198 -20.39 -11.09 0.08
N VAL A 199 -20.21 -10.67 -1.17
CA VAL A 199 -21.13 -9.72 -1.79
C VAL A 199 -22.54 -10.28 -1.87
N GLU A 200 -22.66 -11.52 -2.34
CA GLU A 200 -23.96 -12.16 -2.46
C GLU A 200 -24.65 -12.24 -1.11
N ARG A 201 -23.87 -12.58 -0.09
CA ARG A 201 -24.41 -12.70 1.26
C ARG A 201 -24.90 -11.34 1.75
N ARG A 202 -24.16 -10.29 1.43
CA ARG A 202 -24.54 -8.96 1.87
C ARG A 202 -25.80 -8.44 1.17
N ARG A 203 -25.96 -8.76 -0.11
CA ARG A 203 -27.15 -8.33 -0.88
C ARG A 203 -28.40 -8.95 -0.25
N THR A 204 -28.23 -10.17 0.27
CA THR A 204 -29.32 -10.91 0.90
C THR A 204 -29.62 -10.45 2.32
N GLU A 205 -28.59 -10.04 3.05
CA GLU A 205 -28.74 -9.61 4.44
C GLU A 205 -28.07 -8.25 4.66
N PRO A 206 -28.71 -7.17 4.20
CA PRO A 206 -28.20 -5.81 4.33
C PRO A 206 -27.91 -5.40 5.77
N GLY A 207 -26.98 -4.45 5.92
CA GLY A 207 -26.62 -3.95 7.24
C GLY A 207 -26.24 -2.49 7.14
N ASP A 208 -25.57 -1.96 8.15
CA ASP A 208 -25.18 -0.54 8.13
C ASP A 208 -23.69 -0.37 7.77
N ASP A 209 -23.09 -1.46 7.30
CA ASP A 209 -21.67 -1.47 6.92
C ASP A 209 -21.43 -0.80 5.55
N LEU A 210 -20.16 -0.60 5.21
CA LEU A 210 -19.80 0.04 3.94
C LEU A 210 -20.21 -0.73 2.69
N LEU A 211 -20.06 -2.06 2.71
CA LEU A 211 -20.42 -2.87 1.55
C LEU A 211 -21.92 -2.76 1.25
N SER A 212 -22.72 -2.75 2.31
CA SER A 212 -24.17 -2.63 2.16
C SER A 212 -24.49 -1.27 1.55
N ALA A 213 -23.81 -0.23 2.01
CA ALA A 213 -24.05 1.11 1.50
C ALA A 213 -23.65 1.24 0.03
N LEU A 214 -22.53 0.62 -0.33
CA LEU A 214 -22.05 0.66 -1.72
C LEU A 214 -23.01 -0.06 -2.65
N ILE A 215 -23.73 -1.05 -2.13
CA ILE A 215 -24.67 -1.82 -2.92
C ILE A 215 -25.89 -1.03 -3.36
N ARG A 216 -26.33 -0.07 -2.56
CA ARG A 216 -27.50 0.71 -2.91
C ARG A 216 -27.18 2.14 -3.33
N VAL A 217 -25.90 2.51 -3.31
CA VAL A 217 -25.53 3.86 -3.71
C VAL A 217 -25.89 4.07 -5.18
N GLN A 218 -26.46 5.22 -5.50
CA GLN A 218 -26.82 5.54 -6.87
C GLN A 218 -26.82 7.05 -7.08
N ASP A 219 -26.55 7.45 -8.32
CA ASP A 219 -26.50 8.87 -8.66
C ASP A 219 -27.35 9.15 -9.89
N ASP A 220 -28.03 10.29 -9.90
CA ASP A 220 -28.88 10.67 -11.02
C ASP A 220 -28.21 10.53 -12.39
N ASP A 221 -27.02 11.11 -12.51
CA ASP A 221 -26.28 11.07 -13.78
C ASP A 221 -25.33 9.88 -13.92
N ASP A 222 -24.65 9.52 -12.84
CA ASP A 222 -23.69 8.41 -12.86
C ASP A 222 -24.29 7.03 -12.63
N GLY A 223 -25.57 6.97 -12.30
CA GLY A 223 -26.21 5.69 -12.07
C GLY A 223 -25.68 4.98 -10.83
N ARG A 224 -25.43 3.68 -10.96
CA ARG A 224 -24.94 2.92 -9.83
C ARG A 224 -23.83 1.95 -10.23
N LEU A 225 -23.20 1.33 -9.23
CA LEU A 225 -22.13 0.38 -9.49
C LEU A 225 -22.69 -0.90 -10.08
N SER A 226 -22.04 -1.44 -11.11
CA SER A 226 -22.49 -2.68 -11.70
C SER A 226 -22.03 -3.80 -10.77
N ALA A 227 -22.50 -5.02 -11.02
CA ALA A 227 -22.12 -6.16 -10.19
C ALA A 227 -20.62 -6.39 -10.19
N ASP A 228 -20.00 -6.27 -11.35
CA ASP A 228 -18.57 -6.46 -11.51
C ASP A 228 -17.80 -5.34 -10.83
N GLU A 229 -18.30 -4.12 -10.97
CA GLU A 229 -17.64 -2.96 -10.36
C GLU A 229 -17.73 -3.09 -8.84
N LEU A 230 -18.87 -3.53 -8.34
CA LEU A 230 -19.08 -3.71 -6.91
C LEU A 230 -18.09 -4.73 -6.38
N THR A 231 -18.04 -5.89 -7.04
CA THR A 231 -17.16 -6.96 -6.64
C THR A 231 -15.68 -6.56 -6.65
N SER A 232 -15.22 -5.91 -7.70
CA SER A 232 -13.81 -5.53 -7.77
C SER A 232 -13.43 -4.48 -6.72
N ILE A 233 -14.34 -3.53 -6.46
CA ILE A 233 -14.11 -2.48 -5.47
C ILE A 233 -14.03 -3.09 -4.07
N ALA A 234 -14.92 -4.02 -3.76
CA ALA A 234 -14.91 -4.66 -2.45
C ALA A 234 -13.59 -5.41 -2.26
N LEU A 235 -13.18 -6.14 -3.29
CA LEU A 235 -11.94 -6.93 -3.27
C LEU A 235 -10.74 -6.04 -2.95
N VAL A 236 -10.64 -4.93 -3.67
CA VAL A 236 -9.55 -3.98 -3.51
C VAL A 236 -9.52 -3.28 -2.15
N LEU A 237 -10.69 -3.00 -1.58
CA LEU A 237 -10.74 -2.33 -0.28
C LEU A 237 -10.32 -3.28 0.83
N LEU A 238 -10.78 -4.52 0.74
CA LEU A 238 -10.43 -5.51 1.77
C LEU A 238 -8.93 -5.81 1.70
N LEU A 239 -8.41 -5.90 0.50
CA LEU A 239 -6.99 -6.16 0.27
C LEU A 239 -6.15 -5.05 0.89
N ALA A 240 -6.52 -3.79 0.64
CA ALA A 240 -5.81 -2.65 1.20
C ALA A 240 -5.88 -2.65 2.72
N GLY A 241 -7.05 -2.96 3.27
CA GLY A 241 -7.21 -3.00 4.71
C GLY A 241 -6.41 -4.11 5.37
N PHE A 242 -6.19 -5.21 4.64
CA PHE A 242 -5.44 -6.34 5.17
C PHE A 242 -3.92 -6.19 5.11
N GLU A 243 -3.41 -5.34 4.21
CA GLU A 243 -1.95 -5.22 4.08
C GLU A 243 -1.26 -3.87 4.19
N SER A 244 -1.96 -2.79 3.86
CA SER A 244 -1.34 -1.46 3.86
C SER A 244 -0.93 -0.90 5.23
N SER A 245 -1.87 -0.87 6.17
CA SER A 245 -1.56 -0.33 7.49
C SER A 245 -0.61 -1.22 8.30
N VAL A 246 -0.56 -2.51 7.98
CA VAL A 246 0.34 -3.40 8.70
C VAL A 246 1.77 -2.93 8.45
N SER A 247 2.06 -2.57 7.20
CA SER A 247 3.40 -2.11 6.85
C SER A 247 3.73 -0.82 7.59
N LEU A 248 2.79 0.11 7.58
CA LEU A 248 2.99 1.41 8.25
C LEU A 248 3.31 1.24 9.73
N ILE A 249 2.52 0.42 10.42
CA ILE A 249 2.70 0.21 11.85
C ILE A 249 4.01 -0.50 12.17
N GLY A 250 4.29 -1.57 11.43
CA GLY A 250 5.50 -2.34 11.65
C GLY A 250 6.76 -1.54 11.33
N ILE A 251 6.78 -0.91 10.16
CA ILE A 251 7.91 -0.10 9.74
C ILE A 251 8.03 1.08 10.70
N GLY A 252 6.88 1.65 11.07
CA GLY A 252 6.89 2.79 11.99
C GLY A 252 7.49 2.43 13.33
N THR A 253 7.13 1.25 13.83
CA THR A 253 7.65 0.79 15.12
C THR A 253 9.15 0.59 15.03
N TYR A 254 9.60 -0.07 13.96
CA TYR A 254 11.03 -0.32 13.76
C TYR A 254 11.86 0.96 13.65
N LEU A 255 11.31 1.99 13.02
CA LEU A 255 12.02 3.25 12.86
C LEU A 255 12.15 4.00 14.18
N LEU A 256 11.06 4.11 14.93
CA LEU A 256 11.10 4.84 16.20
C LEU A 256 11.98 4.13 17.21
N LEU A 257 12.10 2.81 17.05
CA LEU A 257 12.89 1.97 17.95
C LEU A 257 14.38 2.07 17.61
N THR A 258 14.69 2.48 16.39
CA THR A 258 16.09 2.60 15.97
C THR A 258 16.56 4.06 15.91
N HIS A 259 15.74 4.96 16.40
CA HIS A 259 16.06 6.39 16.42
C HIS A 259 15.58 6.95 17.77
N PRO A 260 16.24 6.54 18.86
CA PRO A 260 15.91 6.97 20.21
C PRO A 260 15.57 8.45 20.34
N ASP A 261 16.40 9.30 19.74
CA ASP A 261 16.16 10.74 19.79
C ASP A 261 14.81 11.09 19.22
N GLN A 262 14.48 10.50 18.08
CA GLN A 262 13.21 10.77 17.42
C GLN A 262 12.03 10.30 18.28
N LEU A 263 12.20 9.14 18.93
CA LEU A 263 11.14 8.59 19.78
C LEU A 263 10.87 9.54 20.95
N ALA A 264 11.93 10.10 21.52
CA ALA A 264 11.80 11.01 22.66
C ALA A 264 10.86 12.18 22.32
N LEU A 265 11.06 12.79 21.16
CA LEU A 265 10.22 13.90 20.72
C LEU A 265 8.74 13.53 20.76
N VAL A 266 8.43 12.34 20.23
CA VAL A 266 7.05 11.87 20.18
C VAL A 266 6.52 11.73 21.60
N ARG A 267 7.29 11.04 22.45
CA ARG A 267 6.92 10.83 23.84
C ARG A 267 6.77 12.16 24.57
N ARG A 268 7.73 13.06 24.34
CA ARG A 268 7.72 14.39 24.98
C ARG A 268 6.53 15.23 24.53
N ASP A 269 6.32 15.31 23.22
CA ASP A 269 5.20 16.08 22.68
C ASP A 269 4.32 15.22 21.78
N PRO A 270 3.07 14.98 22.21
CA PRO A 270 2.10 14.17 21.46
C PRO A 270 1.66 14.81 20.15
N SER A 271 1.65 16.13 20.10
CA SER A 271 1.25 16.85 18.89
C SER A 271 2.20 16.57 17.74
N ALA A 272 3.32 15.94 18.05
CA ALA A 272 4.33 15.62 17.06
C ALA A 272 4.10 14.27 16.39
N LEU A 273 3.03 13.59 16.78
CA LEU A 273 2.72 12.27 16.22
C LEU A 273 2.21 12.29 14.79
N PRO A 274 1.20 13.14 14.48
CA PRO A 274 0.69 13.15 13.11
C PRO A 274 1.78 13.35 12.07
N ASN A 275 2.76 14.21 12.36
CA ASN A 275 3.84 14.45 11.41
C ASN A 275 4.83 13.30 11.42
N ALA A 276 4.94 12.59 12.53
CA ALA A 276 5.86 11.46 12.61
C ALA A 276 5.35 10.38 11.63
N VAL A 277 4.03 10.22 11.58
CA VAL A 277 3.44 9.23 10.67
C VAL A 277 3.76 9.61 9.22
N GLU A 278 3.64 10.90 8.91
CA GLU A 278 3.94 11.39 7.56
C GLU A 278 5.42 11.17 7.20
N GLU A 279 6.31 11.40 8.16
CA GLU A 279 7.74 11.20 7.90
C GLU A 279 8.05 9.71 7.75
N ILE A 280 7.33 8.88 8.51
CA ILE A 280 7.54 7.44 8.42
C ILE A 280 7.19 7.00 7.01
N LEU A 281 6.08 7.50 6.49
CA LEU A 281 5.62 7.16 5.16
C LEU A 281 6.60 7.68 4.09
N ARG A 282 7.17 8.84 4.37
CA ARG A 282 8.12 9.48 3.47
C ARG A 282 9.42 8.69 3.41
N TYR A 283 9.93 8.30 4.58
CA TYR A 283 11.18 7.58 4.69
C TYR A 283 11.22 6.22 4.01
N ILE A 284 10.23 5.38 4.29
CA ILE A 284 10.15 4.06 3.66
C ILE A 284 8.71 3.83 3.21
N ALA A 285 8.39 4.31 2.01
CA ALA A 285 7.04 4.17 1.47
C ALA A 285 6.68 2.71 1.22
N PRO A 286 5.54 2.27 1.78
CA PRO A 286 5.13 0.88 1.57
C PRO A 286 4.95 0.57 0.07
N PRO A 287 4.22 1.43 -0.68
CA PRO A 287 4.03 1.16 -2.11
C PRO A 287 5.27 1.67 -2.86
N GLU A 288 6.34 0.89 -2.79
CA GLU A 288 7.58 1.30 -3.40
C GLU A 288 7.49 1.60 -4.89
N THR A 289 6.59 0.91 -5.56
CA THR A 289 6.41 1.09 -6.99
C THR A 289 4.94 1.11 -7.40
N THR A 290 4.59 1.99 -8.33
CA THR A 290 3.23 2.03 -8.85
C THR A 290 3.45 1.90 -10.35
N THR A 291 2.49 1.30 -11.03
CA THR A 291 2.63 1.02 -12.46
C THR A 291 1.74 1.82 -13.39
N ARG A 292 2.26 2.12 -14.58
CA ARG A 292 1.52 2.85 -15.63
C ARG A 292 1.89 2.25 -16.99
N PHE A 293 1.00 2.44 -17.97
CA PHE A 293 1.22 1.95 -19.32
C PHE A 293 1.16 3.14 -20.30
N ALA A 294 2.21 3.31 -21.09
CA ALA A 294 2.28 4.40 -22.06
C ALA A 294 1.41 4.12 -23.28
N ALA A 295 0.21 4.70 -23.30
CA ALA A 295 -0.72 4.51 -24.40
C ALA A 295 -0.24 5.28 -25.64
N GLU A 296 0.67 6.22 -25.40
CA GLU A 296 1.26 7.03 -26.46
C GLU A 296 2.72 7.25 -26.09
N GLU A 297 3.53 7.70 -27.04
CA GLU A 297 4.92 7.96 -26.76
C GLU A 297 4.92 9.18 -25.84
N VAL A 298 5.71 9.12 -24.77
CA VAL A 298 5.74 10.22 -23.81
C VAL A 298 7.16 10.61 -23.47
N GLU A 299 7.38 11.88 -23.17
CA GLU A 299 8.71 12.33 -22.80
C GLU A 299 8.71 12.68 -21.33
N ILE A 300 9.61 12.05 -20.57
CA ILE A 300 9.71 12.29 -19.13
C ILE A 300 11.15 12.63 -18.81
N GLY A 301 11.36 13.81 -18.24
CA GLY A 301 12.71 14.22 -17.90
C GLY A 301 13.67 14.24 -19.07
N GLY A 302 13.17 14.58 -20.26
CA GLY A 302 14.01 14.64 -21.43
C GLY A 302 14.22 13.29 -22.10
N VAL A 303 13.66 12.24 -21.50
CA VAL A 303 13.80 10.90 -22.05
C VAL A 303 12.49 10.51 -22.72
N ALA A 304 12.56 10.06 -23.97
CA ALA A 304 11.36 9.66 -24.68
C ALA A 304 11.04 8.20 -24.37
N ILE A 305 9.83 7.96 -23.84
CA ILE A 305 9.39 6.61 -23.51
C ILE A 305 8.53 6.13 -24.68
N PRO A 306 8.97 5.06 -25.36
CA PRO A 306 8.19 4.56 -26.49
C PRO A 306 6.76 4.12 -26.16
N GLN A 307 5.90 4.27 -27.15
CA GLN A 307 4.50 3.89 -27.00
C GLN A 307 4.39 2.41 -26.68
N TYR A 308 3.47 2.07 -25.77
CA TYR A 308 3.23 0.69 -25.34
C TYR A 308 4.29 0.20 -24.36
N SER A 309 4.93 1.13 -23.67
CA SER A 309 5.95 0.77 -22.69
C SER A 309 5.33 0.67 -21.31
N THR A 310 5.93 -0.17 -20.47
CA THR A 310 5.45 -0.33 -19.10
C THR A 310 6.34 0.59 -18.27
N VAL A 311 5.72 1.44 -17.47
CA VAL A 311 6.48 2.38 -16.65
C VAL A 311 6.27 2.14 -15.18
N LEU A 312 7.37 1.93 -14.46
CA LEU A 312 7.31 1.70 -13.02
C LEU A 312 7.78 2.98 -12.34
N VAL A 313 6.85 3.69 -11.70
CA VAL A 313 7.20 4.91 -10.98
C VAL A 313 7.58 4.48 -9.58
N ALA A 314 8.83 4.71 -9.18
CA ALA A 314 9.29 4.32 -7.86
C ALA A 314 8.99 5.38 -6.82
N ASN A 315 7.75 5.37 -6.31
CA ASN A 315 7.31 6.33 -5.30
C ASN A 315 8.31 6.47 -4.16
N GLY A 316 8.86 5.34 -3.72
CA GLY A 316 9.82 5.37 -2.62
C GLY A 316 11.13 6.07 -2.95
N ALA A 317 11.68 5.80 -4.13
CA ALA A 317 12.93 6.44 -4.55
C ALA A 317 12.75 7.95 -4.62
N ALA A 318 11.63 8.38 -5.19
CA ALA A 318 11.31 9.79 -5.34
C ALA A 318 11.27 10.50 -3.99
N ASN A 319 10.83 9.79 -2.97
CA ASN A 319 10.73 10.35 -1.62
C ASN A 319 12.10 10.63 -1.02
N ARG A 320 13.14 10.06 -1.62
CA ARG A 320 14.49 10.23 -1.13
C ARG A 320 15.36 11.03 -2.10
N ASP A 321 14.72 11.79 -2.98
CA ASP A 321 15.44 12.61 -3.95
C ASP A 321 15.92 13.87 -3.23
N PRO A 322 17.25 14.02 -3.05
CA PRO A 322 17.81 15.18 -2.36
C PRO A 322 17.35 16.55 -2.88
N LYS A 323 16.91 16.60 -4.13
CA LYS A 323 16.44 17.85 -4.72
C LYS A 323 15.12 18.33 -4.12
N GLN A 324 14.35 17.39 -3.59
CA GLN A 324 13.05 17.71 -3.00
C GLN A 324 13.10 17.59 -1.48
N PHE A 325 13.87 16.61 -1.00
CA PHE A 325 13.98 16.36 0.43
C PHE A 325 15.45 16.38 0.86
N PRO A 326 15.89 17.52 1.44
CA PRO A 326 17.27 17.71 1.90
C PRO A 326 17.67 16.66 2.93
N ASP A 327 18.83 16.05 2.73
CA ASP A 327 19.33 15.02 3.64
C ASP A 327 18.23 13.95 3.71
N PRO A 328 17.84 13.39 2.54
CA PRO A 328 16.79 12.36 2.40
C PRO A 328 16.91 11.14 3.29
N HIS A 329 18.11 10.61 3.44
CA HIS A 329 18.32 9.43 4.26
C HIS A 329 18.27 9.66 5.76
N ARG A 330 17.92 10.88 6.15
CA ARG A 330 17.81 11.24 7.57
C ARG A 330 16.36 11.18 8.01
N PHE A 331 16.06 10.29 8.96
CA PHE A 331 14.70 10.16 9.49
C PHE A 331 14.47 11.28 10.49
N ASP A 332 13.56 12.19 10.17
CA ASP A 332 13.30 13.32 11.07
C ASP A 332 11.83 13.66 11.20
N VAL A 333 11.25 13.33 12.35
CA VAL A 333 9.84 13.57 12.62
C VAL A 333 9.46 15.06 12.62
N THR A 334 10.45 15.92 12.47
CA THR A 334 10.17 17.35 12.48
C THR A 334 10.29 18.03 11.12
N ARG A 335 10.95 17.36 10.17
CA ARG A 335 11.13 17.94 8.84
C ARG A 335 9.80 18.22 8.17
N ASP A 336 9.83 19.04 7.14
CA ASP A 336 8.63 19.35 6.38
C ASP A 336 8.49 18.19 5.41
N THR A 337 7.38 17.47 5.49
CA THR A 337 7.15 16.31 4.63
C THR A 337 6.19 16.57 3.47
N ARG A 338 5.69 17.79 3.34
CA ARG A 338 4.76 18.12 2.27
C ARG A 338 5.30 17.67 0.92
N GLY A 339 4.42 17.12 0.09
CA GLY A 339 4.83 16.68 -1.24
C GLY A 339 5.31 15.26 -1.43
N HIS A 340 5.46 14.47 -0.37
CA HIS A 340 5.91 13.10 -0.57
C HIS A 340 4.88 12.38 -1.44
N LEU A 341 5.29 11.29 -2.09
CA LEU A 341 4.40 10.54 -2.98
C LEU A 341 3.88 9.19 -2.44
N SER A 342 3.95 9.00 -1.14
CA SER A 342 3.50 7.73 -0.56
C SER A 342 2.00 7.44 -0.73
N PHE A 343 1.18 8.48 -0.83
CA PHE A 343 -0.26 8.27 -1.02
C PHE A 343 -0.63 8.53 -2.47
N GLY A 344 0.38 8.65 -3.32
CA GLY A 344 0.11 8.89 -4.71
C GLY A 344 0.11 10.38 -5.03
N GLN A 345 -0.45 10.70 -6.20
CA GLN A 345 -0.48 12.07 -6.67
C GLN A 345 -1.44 12.16 -7.84
N GLY A 346 -2.34 13.13 -7.81
CA GLY A 346 -3.27 13.28 -8.92
C GLY A 346 -4.61 12.64 -8.70
N ILE A 347 -5.27 12.25 -9.79
CA ILE A 347 -6.59 11.66 -9.71
C ILE A 347 -6.69 10.34 -8.95
N HIS A 348 -5.59 9.60 -8.88
CA HIS A 348 -5.61 8.31 -8.17
C HIS A 348 -5.10 8.40 -6.74
N PHE A 349 -4.97 9.63 -6.24
CA PHE A 349 -4.49 9.87 -4.89
C PHE A 349 -5.21 8.93 -3.95
N CYS A 350 -4.45 8.24 -3.10
CA CYS A 350 -5.01 7.26 -2.17
C CYS A 350 -5.86 8.19 -1.34
N MET A 351 -7.74 6.84 -1.59
CA MET A 351 -8.95 7.21 -0.87
C MET A 351 -8.91 6.75 0.58
N GLY A 352 -7.88 5.98 0.92
CA GLY A 352 -7.79 5.45 2.27
C GLY A 352 -6.89 6.20 3.22
N ARG A 353 -6.32 7.32 2.76
CA ARG A 353 -5.43 8.11 3.58
C ARG A 353 -5.97 8.43 4.97
N PRO A 354 -7.24 8.86 5.06
CA PRO A 354 -7.80 9.18 6.39
C PRO A 354 -7.78 7.97 7.32
N LEU A 355 -8.16 6.82 6.80
CA LEU A 355 -8.19 5.62 7.63
C LEU A 355 -6.78 5.19 8.02
N ALA A 356 -5.84 5.26 7.08
CA ALA A 356 -4.46 4.88 7.36
C ALA A 356 -3.83 5.76 8.43
N LYS A 357 -4.08 7.06 8.37
CA LYS A 357 -3.49 7.99 9.35
C LYS A 357 -4.07 7.71 10.72
N LEU A 358 -5.38 7.46 10.78
CA LEU A 358 -6.05 7.15 12.05
C LEU A 358 -5.41 5.91 12.70
N GLU A 359 -5.39 4.80 11.96
CA GLU A 359 -4.81 3.56 12.46
C GLU A 359 -3.35 3.75 12.88
N GLY A 360 -2.56 4.43 12.05
CA GLY A 360 -1.17 4.66 12.37
C GLY A 360 -0.96 5.49 13.64
N GLU A 361 -1.67 6.58 13.77
CA GLU A 361 -1.54 7.44 14.95
C GLU A 361 -2.00 6.73 16.22
N VAL A 362 -3.17 6.14 16.19
CA VAL A 362 -3.70 5.45 17.37
C VAL A 362 -2.82 4.29 17.83
N ALA A 363 -2.37 3.47 16.88
CA ALA A 363 -1.56 2.31 17.19
C ALA A 363 -0.20 2.65 17.80
N LEU A 364 0.51 3.59 17.17
CA LEU A 364 1.83 3.97 17.66
C LEU A 364 1.76 4.69 19.00
N ARG A 365 0.76 5.54 19.17
CA ARG A 365 0.61 6.27 20.42
C ARG A 365 0.40 5.30 21.58
N ALA A 366 -0.52 4.35 21.38
CA ALA A 366 -0.86 3.36 22.38
C ALA A 366 0.30 2.39 22.65
N LEU A 367 0.97 1.97 21.59
CA LEU A 367 2.08 1.04 21.71
C LEU A 367 3.21 1.60 22.58
N PHE A 368 3.71 2.77 22.22
CA PHE A 368 4.80 3.38 22.98
C PHE A 368 4.34 4.05 24.26
N GLY A 369 3.09 4.45 24.30
CA GLY A 369 2.57 5.09 25.50
C GLY A 369 2.23 4.06 26.56
N ARG A 370 2.49 2.79 26.26
CA ARG A 370 2.18 1.73 27.18
C ARG A 370 3.39 0.85 27.51
N PHE A 371 4.45 0.98 26.71
CA PHE A 371 5.67 0.22 26.93
C PHE A 371 6.86 1.17 26.87
N PRO A 372 7.04 1.97 27.93
CA PRO A 372 8.13 2.96 28.06
C PRO A 372 9.52 2.38 27.81
N ALA A 373 9.70 1.11 28.12
CA ALA A 373 11.00 0.47 27.94
C ALA A 373 11.09 -0.41 26.71
N LEU A 374 10.07 -0.34 25.85
CA LEU A 374 10.05 -1.14 24.64
C LEU A 374 11.35 -1.01 23.85
N SER A 375 11.91 -2.14 23.44
CA SER A 375 13.15 -2.15 22.67
C SER A 375 13.12 -3.28 21.64
N LEU A 376 14.01 -3.21 20.65
CA LEU A 376 14.09 -4.24 19.61
C LEU A 376 14.60 -5.55 20.19
N GLY A 377 13.99 -6.66 19.76
CA GLY A 377 14.40 -7.97 20.24
C GLY A 377 15.61 -8.53 19.50
N ILE A 378 15.94 -7.93 18.37
CA ILE A 378 17.09 -8.38 17.57
C ILE A 378 17.97 -7.20 17.18
N ASP A 379 19.06 -7.50 16.48
CA ASP A 379 19.98 -6.47 16.04
C ASP A 379 19.41 -5.78 14.80
N ALA A 380 19.35 -4.45 14.84
CA ALA A 380 18.82 -3.65 13.74
C ALA A 380 19.13 -4.13 12.33
N ASP A 381 20.36 -4.61 12.11
CA ASP A 381 20.75 -5.09 10.79
C ASP A 381 20.25 -6.50 10.48
N ASP A 382 19.67 -7.17 11.48
CA ASP A 382 19.17 -8.52 11.28
C ASP A 382 17.70 -8.56 10.86
N VAL A 383 17.04 -7.42 10.90
CA VAL A 383 15.63 -7.35 10.50
C VAL A 383 15.48 -7.80 9.05
N VAL A 384 14.48 -8.62 8.76
CA VAL A 384 14.27 -9.08 7.39
C VAL A 384 13.17 -8.28 6.71
N TRP A 385 13.51 -7.61 5.61
CA TRP A 385 12.53 -6.83 4.87
C TRP A 385 11.88 -7.69 3.81
N ARG A 386 10.57 -7.60 3.70
CA ARG A 386 9.83 -8.37 2.71
C ARG A 386 10.33 -7.99 1.33
N ARG A 387 10.52 -9.00 0.47
CA ARG A 387 11.00 -8.79 -0.89
C ARG A 387 9.82 -8.51 -1.83
N SER A 388 9.28 -7.30 -1.74
CA SER A 388 8.16 -6.92 -2.58
C SER A 388 8.30 -5.47 -3.00
N LEU A 389 8.13 -5.22 -4.29
CA LEU A 389 8.20 -3.86 -4.81
C LEU A 389 6.78 -3.31 -4.84
N LEU A 390 5.82 -4.20 -4.62
CA LEU A 390 4.41 -3.86 -4.61
C LEU A 390 4.02 -3.22 -3.28
N LEU A 391 4.39 -3.88 -2.20
CA LEU A 391 4.10 -3.39 -0.86
C LEU A 391 5.21 -3.85 0.07
N ARG A 392 6.10 -2.92 0.41
CA ARG A 392 7.24 -3.20 1.28
C ARG A 392 6.72 -3.36 2.72
N GLY A 393 7.44 -4.13 3.53
CA GLY A 393 7.02 -4.33 4.91
C GLY A 393 7.92 -5.26 5.69
N ILE A 394 7.56 -5.51 6.94
CA ILE A 394 8.31 -6.40 7.82
C ILE A 394 7.32 -7.45 8.32
N ASP A 395 7.60 -8.71 8.02
CA ASP A 395 6.71 -9.79 8.41
C ASP A 395 6.90 -10.30 9.85
N HIS A 396 8.12 -10.14 10.36
CA HIS A 396 8.46 -10.59 11.72
C HIS A 396 9.28 -9.52 12.42
N LEU A 397 8.84 -9.08 13.60
CA LEU A 397 9.58 -8.07 14.33
C LEU A 397 9.57 -8.32 15.83
N PRO A 398 10.58 -9.04 16.34
CA PRO A 398 10.62 -9.32 17.78
C PRO A 398 11.00 -8.09 18.62
N VAL A 399 10.23 -7.83 19.65
CA VAL A 399 10.48 -6.71 20.54
C VAL A 399 10.38 -7.14 22.00
N ARG A 400 11.22 -6.55 22.84
CA ARG A 400 11.21 -6.86 24.27
C ARG A 400 10.35 -5.80 24.95
N LEU A 401 9.26 -6.23 25.54
CA LEU A 401 8.33 -5.31 26.21
C LEU A 401 8.87 -4.60 27.44
N ASP A 402 9.43 -5.36 28.37
CA ASP A 402 9.95 -4.80 29.60
C ASP A 402 11.39 -4.31 29.52
N GLY A 403 11.86 -4.08 28.29
CA GLY A 403 13.22 -3.60 28.09
C GLY A 403 14.20 -4.68 27.67
CHA HEM B . -4.43 4.24 -4.16
CHB HEM B . -0.78 4.19 -0.93
CHC HEM B . -3.92 2.76 2.53
CHD HEM B . -7.40 2.42 -0.81
C1A HEM B . -3.17 4.36 -3.57
C2A HEM B . -1.99 4.81 -4.27
C3A HEM B . -0.96 4.76 -3.38
C4A HEM B . -1.50 4.29 -2.14
CMA HEM B . 0.50 5.14 -3.59
CAA HEM B . -2.01 5.35 -5.71
CBA HEM B . -1.59 4.26 -6.66
CGA HEM B . -1.52 4.72 -8.12
O1A HEM B . -1.38 5.94 -8.38
O2A HEM B . -1.60 3.86 -9.01
C1B HEM B . -1.32 3.84 0.32
C2B HEM B . -0.58 3.78 1.56
C3B HEM B . -1.46 3.35 2.54
C4B HEM B . -2.75 3.19 1.90
CMB HEM B . 0.91 4.12 1.72
CAB HEM B . -1.23 3.10 3.91
CBB HEM B . 0.01 2.99 4.57
C1C HEM B . -5.15 2.53 1.90
C2C HEM B . -6.37 2.11 2.58
C3C HEM B . -7.31 1.94 1.64
C4C HEM B . -6.69 2.31 0.38
CMC HEM B . -6.54 2.02 4.08
CAC HEM B . -8.65 1.52 1.71
CBC HEM B . -9.31 0.78 2.74
C1D HEM B . -6.89 2.92 -2.01
C2D HEM B . -7.69 3.06 -3.22
C3D HEM B . -6.87 3.57 -4.17
C4D HEM B . -5.57 3.76 -3.53
CMD HEM B . -9.17 2.75 -3.34
CAD HEM B . -7.26 3.90 -5.59
CBD HEM B . -7.63 5.38 -5.73
CGD HEM B . -7.95 5.77 -7.16
O1D HEM B . -7.36 5.18 -8.08
O2D HEM B . -8.77 6.68 -7.36
NA HEM B . -2.88 4.05 -2.25
NB HEM B . -2.67 3.48 0.52
NC HEM B . -5.38 2.69 0.55
ND HEM B . -5.59 3.34 -2.19
FE HEM B . -4.13 3.42 -0.82
N1 KTN C . -2.60 -0.41 -2.46
C1 KTN C . -2.85 0.87 -2.84
N2 KTN C . -3.24 1.63 -1.81
C2 KTN C . -3.22 0.79 -0.76
C3 KTN C . -2.84 -0.45 -1.10
C4 KTN C . -2.16 -1.55 -3.25
C5 KTN C . -3.36 -2.41 -3.70
O1 KTN C . -4.46 -2.30 -2.72
C6 KTN C . -5.69 -1.59 -3.56
C7 KTN C . -5.27 -1.85 -4.92
O2 KTN C . -3.77 -1.83 -4.87
C8 KTN C . -2.87 -3.74 -4.33
C9 KTN C . -2.31 -4.83 -3.68
C10 KTN C . -1.94 -5.99 -4.39
C11 KTN C . -2.18 -6.00 -5.80
C12 KTN C . -2.71 -4.94 -6.46
C13 KTN C . -3.03 -3.86 -5.77
CL1 KTN C . -1.85 -7.34 -6.78
C14 KTN C . -5.33 -0.14 -4.22
O3 KTN C . -6.26 -0.24 -5.40
C15 KTN C . -5.23 -0.29 -6.85
C16 KTN C . -4.68 0.86 -7.36
C17 KTN C . -3.74 0.69 -8.45
C18 KTN C . -3.47 -0.61 -8.99
C19 KTN C . -4.25 -1.67 -8.51
C20 KTN C . -5.19 -1.52 -7.49
N3 KTN C . -2.42 -0.76 -10.00
C21 KTN C . -2.44 0.13 -11.23
C22 KTN C . -1.47 -0.27 -12.32
N4 KTN C . -1.48 -1.51 -12.78
C23 KTN C . -0.86 -2.40 -11.22
C24 KTN C . -1.10 -1.52 -9.98
C25 KTN C . -0.93 -1.90 -13.95
O4 KTN C . -0.13 -2.83 -14.00
C26 KTN C . -1.32 -1.20 -15.20
CL2 KTN C . -2.04 -4.78 -1.98
#